data_7LMX
#
_entry.id   7LMX
#
_cell.length_a   40.690
_cell.length_b   64.100
_cell.length_c   80.990
_cell.angle_alpha   90.000
_cell.angle_beta   90.000
_cell.angle_gamma   90.000
#
_symmetry.space_group_name_H-M   'P 21 21 21'
#
loop_
_entity.id
_entity.type
_entity.pdbx_description
1 polymer 'Integrin inhibitor'
2 water water
#
_entity_poly.entity_id   1
_entity_poly.type   'polypeptide(L)'
_entity_poly.pdbx_seq_one_letter_code
;STKCVVRFVFRGDLATLMLRAVKDHLKKEGPHWNITSTNNGAELVVRGIHESDAKRIAKWVEKRFPGVHTETQCD
;
_entity_poly.pdbx_strand_id   A,B,C
#
# COMPACT_ATOMS: atom_id res chain seq x y z
N SER A 1 4.60 -26.31 -3.28
CA SER A 1 4.89 -25.63 -2.02
C SER A 1 3.60 -25.35 -1.24
N THR A 2 3.75 -25.08 0.05
CA THR A 2 2.59 -24.84 0.91
C THR A 2 1.95 -23.50 0.58
N LYS A 3 0.61 -23.49 0.52
CA LYS A 3 -0.16 -22.27 0.34
C LYS A 3 -1.20 -22.16 1.44
N CYS A 4 -1.64 -20.94 1.72
CA CYS A 4 -2.43 -20.65 2.90
C CYS A 4 -3.56 -19.69 2.57
N VAL A 5 -4.64 -19.82 3.33
CA VAL A 5 -5.73 -18.84 3.34
C VAL A 5 -5.73 -18.15 4.70
N VAL A 6 -5.94 -16.84 4.68
CA VAL A 6 -6.05 -16.04 5.90
C VAL A 6 -7.36 -15.28 5.81
N ARG A 7 -8.15 -15.35 6.88
CA ARG A 7 -9.43 -14.66 6.95
C ARG A 7 -9.38 -13.67 8.11
N PHE A 8 -9.77 -12.43 7.83
CA PHE A 8 -9.92 -11.39 8.84
C PHE A 8 -11.39 -11.03 8.96
N VAL A 9 -11.91 -11.00 10.18
CA VAL A 9 -13.27 -10.57 10.43
C VAL A 9 -13.21 -9.36 11.34
N PHE A 10 -13.68 -8.23 10.83
CA PHE A 10 -13.70 -6.98 11.59
C PHE A 10 -15.07 -6.79 12.22
N ARG A 11 -15.09 -6.26 13.44
CA ARG A 11 -16.32 -6.04 14.17
C ARG A 11 -16.36 -4.60 14.67
N GLY A 12 -17.58 -4.06 14.81
CA GLY A 12 -17.78 -2.74 15.34
C GLY A 12 -18.22 -1.74 14.27
N ASP A 13 -18.41 -0.50 14.74
CA ASP A 13 -18.95 0.57 13.91
C ASP A 13 -18.04 0.88 12.72
N LEU A 14 -16.73 0.64 12.86
CA LEU A 14 -15.77 0.97 11.81
C LEU A 14 -15.28 -0.26 11.04
N ALA A 15 -15.97 -1.39 11.17
CA ALA A 15 -15.49 -2.65 10.61
C ALA A 15 -15.24 -2.53 9.11
N THR A 16 -16.18 -1.92 8.37
CA THR A 16 -16.04 -1.83 6.92
C THR A 16 -14.89 -0.91 6.53
N LEU A 17 -14.72 0.19 7.26
CA LEU A 17 -13.57 1.06 7.05
C LEU A 17 -12.27 0.31 7.33
N MET A 18 -12.23 -0.45 8.43
CA MET A 18 -11.03 -1.21 8.74
C MET A 18 -10.70 -2.21 7.62
N LEU A 19 -11.71 -2.94 7.14
CA LEU A 19 -11.48 -3.92 6.09
C LEU A 19 -10.84 -3.27 4.88
N ARG A 20 -11.39 -2.13 4.45
CA ARG A 20 -10.88 -1.48 3.25
C ARG A 20 -9.49 -0.91 3.45
N ALA A 21 -9.20 -0.36 4.64
CA ALA A 21 -7.85 0.11 4.92
C ALA A 21 -6.83 -1.02 4.83
N VAL A 22 -7.18 -2.19 5.40
CA VAL A 22 -6.28 -3.33 5.40
C VAL A 22 -6.13 -3.90 3.99
N LYS A 23 -7.24 -4.00 3.25
CA LYS A 23 -7.17 -4.46 1.86
C LYS A 23 -6.25 -3.58 1.03
N ASP A 24 -6.36 -2.26 1.20
CA ASP A 24 -5.46 -1.34 0.52
C ASP A 24 -3.99 -1.62 0.87
N HIS A 25 -3.71 -1.82 2.16
CA HIS A 25 -2.33 -2.10 2.58
C HIS A 25 -1.82 -3.42 1.99
N LEU A 26 -2.64 -4.46 2.02
CA LEU A 26 -2.19 -5.77 1.52
C LEU A 26 -1.99 -5.76 0.01
N LYS A 27 -2.85 -5.04 -0.70
CA LYS A 27 -2.70 -4.97 -2.16
C LYS A 27 -1.46 -4.17 -2.55
N LYS A 28 -1.05 -3.21 -1.72
CA LYS A 28 0.18 -2.48 -2.00
C LYS A 28 1.40 -3.41 -1.91
N GLU A 29 1.40 -4.32 -0.95
CA GLU A 29 2.53 -5.23 -0.78
C GLU A 29 2.35 -6.54 -1.55
N GLY A 30 1.13 -6.84 -1.99
CA GLY A 30 0.85 -8.01 -2.79
C GLY A 30 -0.21 -7.74 -3.84
N PRO A 31 0.15 -6.99 -4.88
CA PRO A 31 -0.86 -6.63 -5.91
C PRO A 31 -1.45 -7.84 -6.63
N HIS A 32 -0.71 -8.93 -6.71
CA HIS A 32 -1.17 -10.15 -7.37
C HIS A 32 -1.98 -11.06 -6.45
N TRP A 33 -2.10 -10.72 -5.17
CA TRP A 33 -2.76 -11.62 -4.22
C TRP A 33 -4.25 -11.72 -4.51
N ASN A 34 -4.78 -12.92 -4.29
CA ASN A 34 -6.22 -13.19 -4.38
C ASN A 34 -6.87 -12.71 -3.09
N ILE A 35 -7.47 -11.52 -3.12
CA ILE A 35 -8.05 -10.90 -1.94
C ILE A 35 -9.49 -10.52 -2.27
N THR A 36 -10.43 -11.06 -1.51
CA THR A 36 -11.85 -10.84 -1.74
C THR A 36 -12.52 -10.49 -0.42
N SER A 37 -13.72 -9.92 -0.51
CA SER A 37 -14.49 -9.51 0.65
C SER A 37 -15.81 -10.28 0.70
N THR A 38 -16.17 -10.76 1.89
CA THR A 38 -17.43 -11.45 2.14
C THR A 38 -18.07 -10.86 3.39
N ASN A 39 -19.22 -11.45 3.78
CA ASN A 39 -19.89 -11.11 5.05
C ASN A 39 -20.22 -9.61 5.11
N ASN A 40 -20.88 -9.12 4.07
CA ASN A 40 -21.34 -7.73 3.99
C ASN A 40 -20.18 -6.74 4.20
N GLY A 41 -19.05 -7.03 3.55
CA GLY A 41 -17.90 -6.15 3.64
C GLY A 41 -17.20 -6.15 4.97
N ALA A 42 -17.43 -7.16 5.81
CA ALA A 42 -16.78 -7.26 7.12
C ALA A 42 -15.76 -8.38 7.21
N GLU A 43 -15.70 -9.27 6.22
CA GLU A 43 -14.75 -10.37 6.21
C GLU A 43 -13.84 -10.24 5.00
N LEU A 44 -12.54 -10.31 5.25
CA LEU A 44 -11.52 -10.18 4.21
C LEU A 44 -10.78 -11.51 4.08
N VAL A 45 -10.69 -12.02 2.86
CA VAL A 45 -10.16 -13.35 2.60
C VAL A 45 -9.00 -13.21 1.63
N VAL A 46 -7.81 -13.64 2.06
CA VAL A 46 -6.60 -13.64 1.23
C VAL A 46 -6.24 -15.09 0.95
N ARG A 47 -6.19 -15.46 -0.34
CA ARG A 47 -5.99 -16.85 -0.71
C ARG A 47 -4.65 -17.05 -1.41
N GLY A 48 -4.12 -18.26 -1.29
CA GLY A 48 -2.99 -18.69 -2.09
C GLY A 48 -1.67 -18.00 -1.79
N ILE A 49 -1.38 -17.72 -0.52
CA ILE A 49 -0.14 -17.07 -0.17
C ILE A 49 0.74 -18.05 0.59
N HIS A 50 2.04 -17.79 0.54
CA HIS A 50 3.01 -18.62 1.25
C HIS A 50 2.83 -18.48 2.76
N GLU A 51 3.28 -19.51 3.48
CA GLU A 51 3.12 -19.52 4.94
C GLU A 51 3.86 -18.35 5.59
N SER A 52 5.06 -18.03 5.09
CA SER A 52 5.82 -16.93 5.66
C SER A 52 5.05 -15.61 5.59
N ASP A 53 4.32 -15.40 4.49
CA ASP A 53 3.57 -14.16 4.35
C ASP A 53 2.27 -14.19 5.12
N ALA A 54 1.63 -15.36 5.21
CA ALA A 54 0.38 -15.48 5.95
C ALA A 54 0.59 -15.15 7.43
N LYS A 55 1.68 -15.65 8.02
CA LYS A 55 1.97 -15.32 9.41
C LYS A 55 2.32 -13.84 9.56
N ARG A 56 3.10 -13.29 8.63
CA ARG A 56 3.52 -11.91 8.73
C ARG A 56 2.33 -10.96 8.64
N ILE A 57 1.43 -11.19 7.68
CA ILE A 57 0.28 -10.28 7.57
C ILE A 57 -0.71 -10.51 8.70
N ALA A 58 -0.75 -11.72 9.25
CA ALA A 58 -1.58 -11.95 10.43
C ALA A 58 -1.09 -11.10 11.60
N LYS A 59 0.23 -11.13 11.86
CA LYS A 59 0.80 -10.34 12.95
C LYS A 59 0.62 -8.84 12.70
N TRP A 60 0.71 -8.41 11.45
CA TRP A 60 0.59 -7.00 11.12
C TRP A 60 -0.80 -6.46 11.47
N VAL A 61 -1.84 -7.20 11.11
CA VAL A 61 -3.21 -6.73 11.33
C VAL A 61 -3.57 -6.82 12.80
N GLU A 62 -3.18 -7.91 13.46
CA GLU A 62 -3.50 -8.11 14.86
C GLU A 62 -2.85 -7.06 15.76
N LYS A 63 -1.65 -6.61 15.40
CA LYS A 63 -0.98 -5.61 16.22
C LYS A 63 -1.71 -4.28 16.19
N ARG A 64 -2.28 -3.94 15.02
CA ARG A 64 -2.85 -2.62 14.77
C ARG A 64 -4.37 -2.58 14.92
N PHE A 65 -5.05 -3.70 14.66
CA PHE A 65 -6.50 -3.81 14.83
C PHE A 65 -6.73 -5.02 15.72
N PRO A 66 -6.50 -4.89 17.04
CA PRO A 66 -6.53 -6.07 17.91
C PRO A 66 -7.89 -6.75 18.02
N GLY A 67 -8.98 -6.03 17.78
CA GLY A 67 -10.30 -6.64 17.86
C GLY A 67 -10.69 -7.48 16.66
N VAL A 68 -9.81 -7.65 15.69
CA VAL A 68 -10.10 -8.48 14.52
C VAL A 68 -9.98 -9.95 14.89
N HIS A 69 -10.79 -10.78 14.25
CA HIS A 69 -10.65 -12.23 14.34
C HIS A 69 -9.84 -12.71 13.15
N THR A 70 -8.82 -13.52 13.41
CA THR A 70 -7.86 -13.96 12.40
C THR A 70 -7.80 -15.48 12.36
N GLU A 71 -8.02 -16.04 11.18
CA GLU A 71 -7.92 -17.49 10.94
C GLU A 71 -6.97 -17.73 9.78
N THR A 72 -6.01 -18.64 9.98
CA THR A 72 -5.05 -19.02 8.96
C THR A 72 -5.11 -20.52 8.75
N GLN A 73 -5.27 -20.94 7.49
CA GLN A 73 -5.35 -22.35 7.12
C GLN A 73 -4.43 -22.58 5.93
N CYS A 74 -3.46 -23.46 6.09
CA CYS A 74 -2.45 -23.71 5.08
C CYS A 74 -2.64 -25.06 4.40
N ASP A 75 -2.02 -25.21 3.24
CA ASP A 75 -2.16 -26.41 2.44
C ASP A 75 -0.89 -26.65 1.62
N THR B 2 -3.47 1.38 -15.08
CA THR B 2 -2.96 1.99 -16.31
C THR B 2 -1.49 2.39 -16.16
N LYS B 3 -1.15 2.97 -15.00
CA LYS B 3 0.20 3.42 -14.71
C LYS B 3 0.54 3.10 -13.27
N CYS B 4 1.57 2.26 -13.07
CA CYS B 4 1.98 1.86 -11.73
C CYS B 4 3.48 2.07 -11.55
N VAL B 5 3.89 2.15 -10.28
CA VAL B 5 5.29 2.19 -9.88
C VAL B 5 5.51 1.08 -8.86
N VAL B 6 6.63 0.37 -8.97
CA VAL B 6 6.96 -0.74 -8.09
C VAL B 6 8.34 -0.50 -7.47
N ARG B 7 8.41 -0.58 -6.15
CA ARG B 7 9.65 -0.39 -5.40
C ARG B 7 10.03 -1.73 -4.78
N PHE B 8 11.29 -2.13 -4.92
CA PHE B 8 11.85 -3.31 -4.29
C PHE B 8 12.93 -2.89 -3.30
N VAL B 9 12.86 -3.39 -2.08
CA VAL B 9 13.85 -3.09 -1.06
C VAL B 9 14.51 -4.40 -0.64
N PHE B 10 15.84 -4.44 -0.71
CA PHE B 10 16.59 -5.65 -0.42
C PHE B 10 17.38 -5.46 0.86
N ARG B 11 17.29 -6.42 1.77
CA ARG B 11 18.01 -6.32 3.02
C ARG B 11 18.64 -7.66 3.37
N GLY B 12 19.52 -7.64 4.37
CA GLY B 12 20.19 -8.83 4.81
C GLY B 12 21.47 -9.09 4.04
N ASP B 13 22.08 -10.24 4.37
CA ASP B 13 23.39 -10.58 3.82
C ASP B 13 23.36 -10.79 2.31
N LEU B 14 22.21 -11.17 1.76
CA LEU B 14 22.10 -11.50 0.34
C LEU B 14 21.50 -10.37 -0.49
N ALA B 15 21.39 -9.18 0.10
CA ALA B 15 20.72 -8.07 -0.57
C ALA B 15 21.33 -7.79 -1.93
N THR B 16 22.66 -7.81 -2.01
CA THR B 16 23.35 -7.52 -3.27
C THR B 16 23.09 -8.59 -4.32
N LEU B 17 23.16 -9.86 -3.93
CA LEU B 17 22.89 -10.96 -4.85
C LEU B 17 21.48 -10.88 -5.40
N MET B 18 20.51 -10.61 -4.54
CA MET B 18 19.11 -10.57 -4.97
C MET B 18 18.84 -9.38 -5.86
N LEU B 19 19.41 -8.23 -5.53
CA LEU B 19 19.22 -7.04 -6.37
C LEU B 19 19.67 -7.29 -7.79
N ARG B 20 20.81 -7.95 -7.96
CA ARG B 20 21.34 -8.21 -9.31
C ARG B 20 20.41 -9.13 -10.08
N ALA B 21 19.94 -10.20 -9.45
CA ALA B 21 19.09 -11.16 -10.13
C ALA B 21 17.75 -10.54 -10.52
N VAL B 22 17.16 -9.75 -9.64
CA VAL B 22 15.89 -9.12 -9.97
C VAL B 22 16.08 -8.08 -11.07
N LYS B 23 17.11 -7.24 -10.94
CA LYS B 23 17.33 -6.20 -11.94
C LYS B 23 17.61 -6.79 -13.31
N ASP B 24 18.40 -7.87 -13.37
CA ASP B 24 18.68 -8.51 -14.65
C ASP B 24 17.41 -9.09 -15.25
N HIS B 25 16.54 -9.66 -14.40
CA HIS B 25 15.27 -10.17 -14.88
C HIS B 25 14.38 -9.06 -15.43
N LEU B 26 14.27 -7.95 -14.69
CA LEU B 26 13.37 -6.87 -15.10
C LEU B 26 13.80 -6.24 -16.42
N LYS B 27 15.11 -6.17 -16.67
CA LYS B 27 15.57 -5.59 -17.93
C LYS B 27 15.24 -6.49 -19.11
N LYS B 28 15.18 -7.81 -18.88
CA LYS B 28 14.76 -8.73 -19.92
C LYS B 28 13.25 -8.66 -20.15
N GLU B 29 12.48 -8.56 -19.07
CA GLU B 29 11.03 -8.45 -19.18
C GLU B 29 10.61 -7.09 -19.74
N GLY B 30 11.24 -6.02 -19.28
CA GLY B 30 10.90 -4.69 -19.71
C GLY B 30 12.09 -3.89 -20.18
N PRO B 31 12.52 -4.14 -21.43
CA PRO B 31 13.69 -3.41 -21.96
C PRO B 31 13.44 -1.92 -22.17
N HIS B 32 12.20 -1.46 -22.09
CA HIS B 32 11.91 -0.03 -22.17
C HIS B 32 11.29 0.50 -20.88
N TRP B 33 11.22 -0.31 -19.82
CA TRP B 33 10.79 0.21 -18.54
C TRP B 33 11.87 1.10 -17.94
N ASN B 34 11.43 2.02 -17.09
CA ASN B 34 12.33 2.91 -16.36
C ASN B 34 12.77 2.16 -15.11
N ILE B 35 13.98 1.59 -15.14
CA ILE B 35 14.50 0.77 -14.06
C ILE B 35 15.75 1.46 -13.51
N THR B 36 15.70 1.86 -12.25
CA THR B 36 16.79 2.55 -11.58
C THR B 36 16.97 1.95 -10.19
N SER B 37 18.22 1.79 -9.76
CA SER B 37 18.55 1.21 -8.47
C SER B 37 19.44 2.16 -7.67
N THR B 38 19.09 2.39 -6.41
CA THR B 38 19.79 3.36 -5.58
C THR B 38 19.95 2.85 -4.15
N ASN B 39 20.05 3.79 -3.21
CA ASN B 39 20.09 3.51 -1.77
C ASN B 39 21.21 2.54 -1.43
N ASN B 40 22.41 2.87 -1.93
CA ASN B 40 23.60 2.02 -1.76
C ASN B 40 23.37 0.62 -2.35
N GLY B 41 22.57 0.54 -3.40
CA GLY B 41 22.28 -0.74 -4.02
C GLY B 41 21.26 -1.58 -3.29
N ALA B 42 20.45 -0.98 -2.42
CA ALA B 42 19.48 -1.71 -1.63
C ALA B 42 18.04 -1.44 -2.05
N GLU B 43 17.81 -0.57 -3.03
CA GLU B 43 16.47 -0.26 -3.48
C GLU B 43 16.44 -0.20 -5.00
N LEU B 44 15.36 -0.74 -5.58
CA LEU B 44 15.13 -0.76 -7.01
C LEU B 44 13.73 -0.20 -7.27
N VAL B 45 13.61 0.69 -8.25
CA VAL B 45 12.34 1.34 -8.56
C VAL B 45 12.05 1.16 -10.05
N VAL B 46 10.81 0.74 -10.36
CA VAL B 46 10.35 0.56 -11.74
C VAL B 46 9.13 1.43 -11.97
N ARG B 47 9.19 2.29 -12.97
CA ARG B 47 8.10 3.19 -13.28
C ARG B 47 7.56 2.95 -14.68
N GLY B 48 6.32 3.39 -14.90
CA GLY B 48 5.73 3.37 -16.21
C GLY B 48 5.05 2.07 -16.62
N ILE B 49 5.06 1.05 -15.76
CA ILE B 49 4.54 -0.26 -16.14
C ILE B 49 3.04 -0.31 -15.88
N HIS B 50 2.36 -1.16 -16.65
CA HIS B 50 0.95 -1.41 -16.46
C HIS B 50 0.72 -2.25 -15.20
N GLU B 51 -0.53 -2.25 -14.74
CA GLU B 51 -0.85 -2.99 -13.52
C GLU B 51 -0.66 -4.49 -13.72
N SER B 52 -1.00 -5.02 -14.90
CA SER B 52 -0.83 -6.45 -15.13
C SER B 52 0.64 -6.84 -15.05
N ASP B 53 1.54 -5.97 -15.53
CA ASP B 53 2.96 -6.26 -15.42
C ASP B 53 3.47 -6.13 -13.99
N ALA B 54 2.94 -5.17 -13.23
CA ALA B 54 3.30 -5.09 -11.81
C ALA B 54 2.90 -6.33 -11.06
N LYS B 55 1.72 -6.88 -11.36
CA LYS B 55 1.32 -8.11 -10.68
C LYS B 55 2.25 -9.26 -11.06
N ARG B 56 2.61 -9.36 -12.34
CA ARG B 56 3.44 -10.47 -12.77
C ARG B 56 4.84 -10.39 -12.15
N ILE B 57 5.44 -9.20 -12.12
CA ILE B 57 6.80 -9.14 -11.57
C ILE B 57 6.77 -9.27 -10.05
N ALA B 58 5.71 -8.78 -9.39
CA ALA B 58 5.63 -8.97 -7.94
C ALA B 58 5.47 -10.45 -7.59
N LYS B 59 4.68 -11.17 -8.40
CA LYS B 59 4.54 -12.60 -8.18
C LYS B 59 5.87 -13.31 -8.39
N TRP B 60 6.64 -12.88 -9.41
CA TRP B 60 7.91 -13.52 -9.73
C TRP B 60 8.94 -13.32 -8.62
N VAL B 61 9.05 -12.10 -8.10
CA VAL B 61 9.99 -11.85 -7.01
C VAL B 61 9.57 -12.59 -5.75
N GLU B 62 8.27 -12.61 -5.46
CA GLU B 62 7.78 -13.31 -4.28
C GLU B 62 8.07 -14.80 -4.37
N LYS B 63 7.98 -15.36 -5.57
CA LYS B 63 8.23 -16.79 -5.75
C LYS B 63 9.70 -17.12 -5.56
N ARG B 64 10.59 -16.29 -6.08
CA ARG B 64 12.00 -16.65 -6.15
C ARG B 64 12.86 -16.01 -5.07
N PHE B 65 12.42 -14.91 -4.45
CA PHE B 65 13.22 -14.20 -3.46
C PHE B 65 12.33 -13.74 -2.32
N PRO B 66 11.95 -14.67 -1.44
CA PRO B 66 11.16 -14.27 -0.26
C PRO B 66 11.91 -13.24 0.59
N GLY B 67 11.13 -12.43 1.30
CA GLY B 67 11.68 -11.46 2.22
C GLY B 67 11.92 -10.09 1.62
N VAL B 68 12.05 -10.03 0.28
CA VAL B 68 12.14 -8.74 -0.39
C VAL B 68 10.85 -7.97 -0.19
N HIS B 69 10.97 -6.74 0.31
CA HIS B 69 9.82 -5.88 0.47
C HIS B 69 9.50 -5.23 -0.85
N THR B 70 8.24 -5.34 -1.28
CA THR B 70 7.80 -4.70 -2.51
C THR B 70 6.61 -3.81 -2.22
N GLU B 71 6.56 -2.65 -2.87
CA GLU B 71 5.46 -1.72 -2.79
C GLU B 71 5.02 -1.38 -4.20
N THR B 72 3.74 -1.59 -4.49
CA THR B 72 3.15 -1.21 -5.77
C THR B 72 2.14 -0.08 -5.53
N GLN B 73 2.27 1.00 -6.28
CA GLN B 73 1.31 2.11 -6.24
C GLN B 73 0.92 2.43 -7.67
N CYS B 74 -0.39 2.53 -7.91
CA CYS B 74 -0.90 2.79 -9.25
C CYS B 74 -1.68 4.10 -9.31
N THR C 2 -5.90 30.79 -8.09
CA THR C 2 -4.68 30.12 -7.65
C THR C 2 -5.00 28.77 -6.99
N LYS C 3 -4.09 27.81 -7.10
CA LYS C 3 -4.27 26.50 -6.50
C LYS C 3 -3.12 26.20 -5.54
N CYS C 4 -3.33 25.21 -4.70
CA CYS C 4 -2.43 24.90 -3.60
C CYS C 4 -2.07 23.42 -3.63
N VAL C 5 -1.14 23.05 -2.76
CA VAL C 5 -0.80 21.66 -2.53
C VAL C 5 -0.97 21.39 -1.04
N VAL C 6 -1.67 20.30 -0.70
CA VAL C 6 -1.84 19.90 0.69
C VAL C 6 -1.09 18.59 0.90
N ARG C 7 -0.31 18.53 1.98
CA ARG C 7 0.49 17.37 2.33
C ARG C 7 -0.08 16.82 3.62
N PHE C 8 -0.38 15.53 3.66
CA PHE C 8 -0.88 14.84 4.87
C PHE C 8 0.15 13.80 5.27
N VAL C 9 0.49 13.72 6.56
CA VAL C 9 1.49 12.78 7.04
C VAL C 9 0.85 11.86 8.06
N PHE C 10 0.92 10.55 7.80
CA PHE C 10 0.23 9.54 8.60
C PHE C 10 1.27 8.68 9.31
N ARG C 11 1.02 8.37 10.58
CA ARG C 11 1.91 7.47 11.31
C ARG C 11 1.16 6.88 12.49
N GLY C 12 1.78 5.89 13.12
CA GLY C 12 1.15 5.19 14.22
C GLY C 12 0.41 3.95 13.79
N ASP C 13 -0.13 3.24 14.79
CA ASP C 13 -0.79 1.96 14.52
C ASP C 13 -2.00 2.11 13.62
N LEU C 14 -2.71 3.24 13.70
CA LEU C 14 -3.92 3.45 12.94
C LEU C 14 -3.68 4.29 11.69
N ALA C 15 -2.42 4.39 11.25
CA ALA C 15 -2.09 5.21 10.08
C ALA C 15 -2.88 4.81 8.85
N THR C 16 -3.02 3.50 8.60
CA THR C 16 -3.72 3.07 7.39
C THR C 16 -5.22 3.30 7.48
N LEU C 17 -5.77 3.36 8.69
CA LEU C 17 -7.19 3.64 8.87
C LEU C 17 -7.49 5.10 8.59
N MET C 18 -6.68 6.00 9.14
CA MET C 18 -6.85 7.42 8.86
C MET C 18 -6.62 7.71 7.38
N LEU C 19 -5.62 7.06 6.78
CA LEU C 19 -5.37 7.22 5.36
C LEU C 19 -6.63 6.90 4.54
N ARG C 20 -7.26 5.75 4.81
CA ARG C 20 -8.43 5.36 4.06
C ARG C 20 -9.58 6.32 4.28
N ALA C 21 -9.76 6.80 5.53
CA ALA C 21 -10.83 7.73 5.81
C ALA C 21 -10.60 9.06 5.12
N VAL C 22 -9.34 9.51 5.08
CA VAL C 22 -9.04 10.78 4.41
C VAL C 22 -9.22 10.64 2.90
N LYS C 23 -8.76 9.52 2.32
CA LYS C 23 -8.97 9.32 0.88
C LYS C 23 -10.46 9.29 0.53
N ASP C 24 -11.27 8.67 1.38
CA ASP C 24 -12.72 8.65 1.14
C ASP C 24 -13.30 10.05 1.10
N HIS C 25 -12.89 10.90 2.04
CA HIS C 25 -13.39 12.26 2.09
C HIS C 25 -12.96 13.02 0.84
N LEU C 26 -11.71 12.90 0.46
CA LEU C 26 -11.20 13.64 -0.70
C LEU C 26 -11.92 13.23 -1.97
N LYS C 27 -12.15 11.94 -2.16
CA LYS C 27 -12.81 11.45 -3.37
C LYS C 27 -14.27 11.89 -3.45
N LYS C 28 -14.94 12.04 -2.32
CA LYS C 28 -16.33 12.51 -2.33
C LYS C 28 -16.42 14.02 -2.46
N GLU C 29 -15.47 14.76 -1.88
CA GLU C 29 -15.57 16.22 -1.86
C GLU C 29 -14.93 16.89 -3.06
N GLY C 30 -13.89 16.31 -3.64
CA GLY C 30 -13.23 16.92 -4.76
C GLY C 30 -12.58 15.90 -5.65
N PRO C 31 -13.39 15.15 -6.41
CA PRO C 31 -12.82 14.16 -7.34
C PRO C 31 -11.97 14.76 -8.43
N HIS C 32 -12.06 16.07 -8.66
CA HIS C 32 -11.18 16.73 -9.62
C HIS C 32 -9.77 16.97 -9.07
N TRP C 33 -9.53 16.83 -7.77
CA TRP C 33 -8.19 16.99 -7.23
C TRP C 33 -7.32 15.79 -7.60
N ASN C 34 -6.02 16.06 -7.77
CA ASN C 34 -5.04 15.06 -8.15
C ASN C 34 -4.34 14.59 -6.88
N ILE C 35 -4.55 13.33 -6.50
CA ILE C 35 -4.01 12.79 -5.26
C ILE C 35 -2.89 11.81 -5.59
N THR C 36 -1.78 11.90 -4.84
CA THR C 36 -0.67 10.97 -5.00
C THR C 36 -0.16 10.54 -3.63
N SER C 37 0.57 9.43 -3.61
CA SER C 37 1.17 8.92 -2.38
C SER C 37 2.69 9.10 -2.44
N THR C 38 3.28 9.35 -1.26
CA THR C 38 4.74 9.36 -1.13
C THR C 38 5.13 8.64 0.15
N ASN C 39 6.43 8.35 0.26
CA ASN C 39 7.05 7.83 1.48
C ASN C 39 6.45 6.50 1.92
N ASN C 40 6.40 5.55 0.97
CA ASN C 40 5.85 4.21 1.22
C ASN C 40 4.42 4.29 1.72
N GLY C 41 3.66 5.24 1.19
CA GLY C 41 2.28 5.44 1.59
C GLY C 41 2.09 6.23 2.87
N ALA C 42 3.18 6.65 3.53
CA ALA C 42 3.06 7.41 4.76
C ALA C 42 2.53 8.82 4.51
N GLU C 43 2.65 9.33 3.29
CA GLU C 43 2.19 10.68 2.99
C GLU C 43 1.25 10.66 1.79
N LEU C 44 0.31 11.60 1.81
CA LEU C 44 -0.67 11.77 0.75
C LEU C 44 -0.59 13.22 0.34
N VAL C 45 -0.53 13.47 -0.97
CA VAL C 45 -0.38 14.82 -1.49
C VAL C 45 -1.59 15.13 -2.36
N VAL C 46 -2.23 16.26 -2.10
CA VAL C 46 -3.38 16.72 -2.86
C VAL C 46 -2.95 17.92 -3.67
N ARG C 47 -3.06 17.81 -4.99
CA ARG C 47 -2.71 18.88 -5.91
C ARG C 47 -3.95 19.35 -6.65
N GLY C 48 -3.91 20.59 -7.13
CA GLY C 48 -5.01 21.14 -7.90
C GLY C 48 -6.18 21.62 -7.08
N ILE C 49 -5.96 21.91 -5.80
CA ILE C 49 -7.03 22.27 -4.87
C ILE C 49 -6.97 23.77 -4.59
N HIS C 50 -8.14 24.40 -4.57
CA HIS C 50 -8.24 25.83 -4.32
C HIS C 50 -7.93 26.13 -2.85
N GLU C 51 -7.42 27.35 -2.60
CA GLU C 51 -6.99 27.69 -1.24
C GLU C 51 -8.12 27.55 -0.22
N SER C 52 -9.33 27.98 -0.59
CA SER C 52 -10.48 27.86 0.30
C SER C 52 -10.76 26.40 0.63
N ASP C 53 -10.71 25.53 -0.38
CA ASP C 53 -10.94 24.11 -0.14
C ASP C 53 -9.80 23.49 0.66
N ALA C 54 -8.56 23.95 0.45
CA ALA C 54 -7.43 23.38 1.17
C ALA C 54 -7.55 23.67 2.66
N LYS C 55 -7.88 24.92 3.02
CA LYS C 55 -8.10 25.24 4.43
C LYS C 55 -9.25 24.43 5.01
N ARG C 56 -10.29 24.18 4.21
CA ARG C 56 -11.44 23.42 4.67
C ARG C 56 -11.08 21.97 4.97
N ILE C 57 -10.46 21.29 4.00
CA ILE C 57 -10.12 19.88 4.23
C ILE C 57 -9.07 19.75 5.32
N ALA C 58 -8.15 20.72 5.42
CA ALA C 58 -7.17 20.68 6.50
C ALA C 58 -7.86 20.71 7.86
N LYS C 59 -8.71 21.72 8.08
CA LYS C 59 -9.44 21.81 9.33
C LYS C 59 -10.29 20.57 9.58
N TRP C 60 -10.84 19.98 8.52
CA TRP C 60 -11.61 18.75 8.67
C TRP C 60 -10.75 17.63 9.25
N VAL C 61 -9.54 17.45 8.70
CA VAL C 61 -8.66 16.39 9.18
C VAL C 61 -8.21 16.67 10.61
N GLU C 62 -7.90 17.92 10.95
CA GLU C 62 -7.48 18.21 12.33
C GLU C 62 -8.58 17.91 13.34
N LYS C 63 -9.84 18.04 12.93
CA LYS C 63 -10.95 17.80 13.85
C LYS C 63 -11.23 16.30 14.01
N ARG C 64 -11.24 15.57 12.90
CA ARG C 64 -11.61 14.16 12.91
C ARG C 64 -10.43 13.24 13.19
N PHE C 65 -9.23 13.62 12.77
CA PHE C 65 -8.05 12.75 12.85
C PHE C 65 -6.84 13.55 13.29
N PRO C 66 -6.81 13.96 14.56
CA PRO C 66 -5.69 14.80 15.05
C PRO C 66 -4.32 14.14 14.98
N GLY C 67 -4.24 12.84 14.75
CA GLY C 67 -2.93 12.23 14.58
C GLY C 67 -2.22 12.62 13.29
N VAL C 68 -2.92 13.25 12.36
CA VAL C 68 -2.42 13.49 11.01
C VAL C 68 -1.82 14.88 10.94
N HIS C 69 -0.54 14.97 10.55
CA HIS C 69 0.09 16.26 10.27
C HIS C 69 -0.30 16.75 8.88
N THR C 70 -0.71 18.02 8.78
CA THR C 70 -1.16 18.63 7.55
C THR C 70 -0.36 19.89 7.26
N GLU C 71 0.01 20.09 6.00
CA GLU C 71 0.73 21.28 5.57
C GLU C 71 0.12 21.74 4.26
N THR C 72 -0.07 23.06 4.13
CA THR C 72 -0.62 23.66 2.92
C THR C 72 0.39 24.64 2.34
N GLN C 73 0.67 24.50 1.05
CA GLN C 73 1.58 25.36 0.32
C GLN C 73 0.82 25.95 -0.86
N CYS C 74 0.59 27.25 -0.85
CA CYS C 74 -0.13 27.92 -1.92
C CYS C 74 0.83 28.75 -2.75
N ASP C 75 0.77 28.59 -4.07
CA ASP C 75 1.73 29.20 -4.97
C ASP C 75 1.20 30.53 -5.50
#